data_3DRZ
#
_entry.id   3DRZ
#
_cell.length_a   59.039
_cell.length_b   90.718
_cell.length_c   110.158
_cell.angle_alpha   90.00
_cell.angle_beta   90.00
_cell.angle_gamma   90.00
#
_symmetry.space_group_name_H-M   'P 21 21 21'
#
loop_
_entity.id
_entity.type
_entity.pdbx_description
1 polymer 'BTB/POZ domain-containing protein KCTD5'
2 water water
#
_entity_poly.entity_id   1
_entity_poly.type   'polypeptide(L)'
_entity_poly.pdbx_seq_one_letter_code
;SGSVSKWVRLNVGGTYFLTTRQTLCRDPKSFLYRLCQADPDLDSDKDETGAYLIDRDPTYFGPVLNYLRHGKLVINKDLA
EEGVLEEAEFYNITSLIKLVKDKIRER
;
_entity_poly.pdbx_strand_id   A,B,C,D,E
#
# COMPACT_ATOMS: atom_id res chain seq x y z
N SER A 5 11.83 -8.53 25.16
CA SER A 5 11.05 -8.27 23.93
C SER A 5 10.01 -7.16 24.08
N LYS A 6 10.47 -5.92 24.09
CA LYS A 6 9.61 -4.76 24.02
C LYS A 6 8.83 -4.75 22.70
N TRP A 7 9.51 -5.10 21.62
CA TRP A 7 8.90 -5.05 20.29
C TRP A 7 8.19 -6.33 19.92
N VAL A 8 7.05 -6.18 19.26
CA VAL A 8 6.26 -7.32 18.88
C VAL A 8 5.90 -7.16 17.43
N ARG A 9 6.08 -8.22 16.66
CA ARG A 9 5.61 -8.22 15.29
C ARG A 9 4.34 -9.04 15.14
N LEU A 10 3.37 -8.47 14.44
CA LEU A 10 2.13 -9.16 14.14
C LEU A 10 2.02 -9.38 12.65
N ASN A 11 1.62 -10.58 12.27
CA ASN A 11 1.27 -10.84 10.88
C ASN A 11 -0.24 -10.92 10.80
N VAL A 12 -0.86 -9.82 10.43
CA VAL A 12 -2.31 -9.74 10.34
C VAL A 12 -2.73 -9.97 8.91
N GLY A 13 -3.22 -11.18 8.68
CA GLY A 13 -3.73 -11.55 7.36
C GLY A 13 -2.72 -11.40 6.24
N GLY A 14 -1.44 -11.49 6.56
CA GLY A 14 -0.39 -11.44 5.55
C GLY A 14 0.44 -10.17 5.56
N THR A 15 -0.01 -9.17 6.33
CA THR A 15 0.69 -7.89 6.39
C THR A 15 1.28 -7.72 7.77
N TYR A 16 2.56 -7.35 7.82
CA TYR A 16 3.27 -7.22 9.09
C TYR A 16 3.06 -5.84 9.71
N PHE A 17 2.80 -5.83 11.01
CA PHE A 17 2.78 -4.63 11.80
C PHE A 17 3.81 -4.75 12.91
N LEU A 18 4.50 -3.66 13.21
CA LEU A 18 5.42 -3.64 14.31
C LEU A 18 4.84 -2.73 15.38
N THR A 19 4.80 -3.22 16.62
CA THR A 19 4.30 -2.40 17.71
C THR A 19 5.05 -2.85 18.98
N THR A 20 4.60 -2.41 20.15
CA THR A 20 5.24 -2.80 21.40
C THR A 20 4.24 -3.52 22.26
N ARG A 21 4.72 -4.25 23.25
CA ARG A 21 3.82 -4.89 24.21
C ARG A 21 3.00 -3.85 24.97
N GLN A 22 3.63 -2.74 25.32
CA GLN A 22 2.90 -1.67 26.00
C GLN A 22 1.62 -1.32 25.25
N THR A 23 1.73 -1.11 23.94
CA THR A 23 0.57 -0.71 23.13
C THR A 23 -0.51 -1.80 23.10
N LEU A 24 -0.06 -3.05 22.95
CA LEU A 24 -0.94 -4.21 22.90
C LEU A 24 -1.51 -4.60 24.27
N CYS A 25 -0.92 -4.09 25.34
CA CYS A 25 -1.42 -4.36 26.68
C CYS A 25 -2.43 -3.32 27.14
N ARG A 26 -2.66 -2.32 26.30
CA ARG A 26 -3.38 -1.14 26.76
C ARG A 26 -4.81 -1.47 27.27
N ASP A 27 -5.43 -2.48 26.66
CA ASP A 27 -6.74 -2.96 27.12
C ASP A 27 -6.69 -4.45 27.49
N PRO A 28 -6.55 -4.75 28.81
CA PRO A 28 -6.37 -6.10 29.37
C PRO A 28 -7.52 -7.07 29.06
N LYS A 29 -8.59 -6.58 28.45
CA LYS A 29 -9.75 -7.43 28.19
C LYS A 29 -9.81 -7.88 26.72
N SER A 30 -8.82 -7.46 25.93
CA SER A 30 -8.87 -7.67 24.50
C SER A 30 -8.14 -8.94 24.06
N PHE A 31 -8.43 -9.37 22.84
CA PHE A 31 -7.71 -10.46 22.20
C PHE A 31 -6.20 -10.17 22.19
N LEU A 32 -5.84 -8.91 21.96
CA LEU A 32 -4.46 -8.56 21.78
C LEU A 32 -3.66 -8.75 23.06
N TYR A 33 -4.33 -8.54 24.18
CA TYR A 33 -3.68 -8.66 25.48
C TYR A 33 -2.99 -10.00 25.68
N ARG A 34 -3.49 -11.07 25.09
CA ARG A 34 -2.86 -12.38 25.32
C ARG A 34 -1.48 -12.43 24.69
N LEU A 35 -1.31 -11.79 23.55
CA LEU A 35 0.01 -11.67 22.94
C LEU A 35 0.99 -11.02 23.92
N CYS A 36 0.71 -9.77 24.29
CA CYS A 36 1.62 -9.04 25.15
C CYS A 36 1.86 -9.76 26.50
N GLN A 37 1.02 -10.75 26.83
CA GLN A 37 1.29 -11.62 27.97
C GLN A 37 2.25 -12.74 27.57
N ALA A 38 2.45 -12.89 26.27
CA ALA A 38 3.29 -13.97 25.77
C ALA A 38 2.65 -15.34 26.06
N ASP A 39 1.32 -15.34 26.14
CA ASP A 39 0.55 -16.55 26.45
C ASP A 39 1.06 -17.81 25.73
N PRO A 40 1.28 -18.89 26.50
CA PRO A 40 1.84 -20.16 26.03
C PRO A 40 1.35 -20.62 24.65
N ASP A 41 0.05 -20.89 24.53
CA ASP A 41 -0.50 -21.49 23.31
C ASP A 41 -0.69 -20.52 22.14
N LEU A 42 0.24 -19.58 22.00
CA LEU A 42 0.33 -18.79 20.78
C LEU A 42 1.56 -19.24 20.01
N ASP A 43 2.25 -20.23 20.55
CA ASP A 43 3.51 -20.71 20.02
C ASP A 43 3.37 -21.27 18.61
N SER A 44 2.34 -22.07 18.38
CA SER A 44 2.08 -22.61 17.05
C SER A 44 1.46 -21.53 16.16
N ASP A 45 1.21 -20.36 16.75
CA ASP A 45 0.62 -19.25 16.02
C ASP A 45 1.63 -18.11 15.81
N LYS A 46 2.88 -18.50 15.60
CA LYS A 46 3.91 -17.56 15.17
C LYS A 46 4.53 -18.06 13.88
N ASP A 47 5.00 -17.18 13.02
CA ASP A 47 5.72 -17.64 11.83
C ASP A 47 7.23 -17.72 12.03
N GLU A 48 7.96 -18.00 10.95
CA GLU A 48 9.41 -18.19 11.01
C GLU A 48 10.14 -16.93 11.44
N THR A 49 9.53 -15.77 11.21
CA THR A 49 10.12 -14.49 11.60
C THR A 49 9.83 -14.10 13.05
N GLY A 50 9.03 -14.93 13.74
CA GLY A 50 8.62 -14.66 15.12
C GLY A 50 7.34 -13.84 15.26
N ALA A 51 6.72 -13.48 14.14
CA ALA A 51 5.52 -12.67 14.22
C ALA A 51 4.34 -13.51 14.68
N TYR A 52 3.48 -12.94 15.52
CA TYR A 52 2.24 -13.59 15.87
C TYR A 52 1.27 -13.53 14.71
N LEU A 53 0.66 -14.68 14.42
CA LEU A 53 -0.20 -14.82 13.26
C LEU A 53 -1.64 -14.51 13.64
N ILE A 54 -2.29 -13.72 12.80
CA ILE A 54 -3.67 -13.33 13.02
C ILE A 54 -4.48 -13.37 11.73
N ASP A 55 -5.61 -14.10 11.76
CA ASP A 55 -6.41 -14.36 10.59
C ASP A 55 -7.50 -13.31 10.44
N ARG A 56 -7.07 -12.07 10.22
CA ARG A 56 -7.98 -10.93 10.13
C ARG A 56 -7.42 -9.98 9.12
N ASP A 57 -8.23 -8.99 8.74
CA ASP A 57 -7.87 -8.06 7.69
C ASP A 57 -6.94 -6.97 8.20
N PRO A 58 -5.79 -6.82 7.55
CA PRO A 58 -4.80 -5.84 8.00
C PRO A 58 -5.25 -4.42 7.74
N THR A 59 -6.05 -4.19 6.71
CA THR A 59 -6.39 -2.79 6.43
C THR A 59 -7.30 -2.19 7.50
N TYR A 60 -8.20 -2.99 8.05
CA TYR A 60 -9.09 -2.51 9.12
C TYR A 60 -8.37 -2.48 10.47
N PHE A 61 -7.25 -3.20 10.57
CA PHE A 61 -6.44 -3.24 11.78
C PHE A 61 -5.71 -1.92 12.03
N GLY A 62 -5.36 -1.22 10.96
CA GLY A 62 -4.66 0.08 11.09
C GLY A 62 -5.28 0.95 12.17
N PRO A 63 -6.55 1.35 12.00
CA PRO A 63 -7.18 2.25 12.96
C PRO A 63 -7.29 1.63 14.37
N VAL A 64 -7.35 0.29 14.43
CA VAL A 64 -7.45 -0.40 15.72
C VAL A 64 -6.12 -0.19 16.48
N LEU A 65 -5.02 -0.50 15.82
CA LEU A 65 -3.73 -0.35 16.46
C LEU A 65 -3.47 1.13 16.74
N ASN A 66 -3.92 2.01 15.87
CA ASN A 66 -3.67 3.42 16.12
CA ASN A 66 -3.67 3.43 16.06
C ASN A 66 -4.41 3.95 17.31
N TYR A 67 -5.61 3.41 17.52
CA TYR A 67 -6.36 3.76 18.71
C TYR A 67 -5.58 3.32 19.95
N LEU A 68 -4.99 2.14 19.88
CA LEU A 68 -4.20 1.68 21.02
C LEU A 68 -2.98 2.57 21.23
N ARG A 69 -2.44 3.10 20.14
CA ARG A 69 -1.27 3.97 20.25
C ARG A 69 -1.52 5.36 20.84
N HIS A 70 -2.63 5.99 20.47
CA HIS A 70 -2.87 7.37 20.87
C HIS A 70 -4.27 7.69 21.38
N GLY A 71 -5.15 6.69 21.38
CA GLY A 71 -6.47 6.82 21.97
C GLY A 71 -7.50 7.52 21.11
N LYS A 72 -7.14 7.88 19.88
CA LYS A 72 -8.10 8.54 19.01
C LYS A 72 -8.54 7.54 17.96
N LEU A 73 -9.79 7.64 17.54
CA LEU A 73 -10.24 6.87 16.40
C LEU A 73 -10.01 7.69 15.14
N VAL A 74 -9.17 7.20 14.25
CA VAL A 74 -8.87 7.91 13.00
C VAL A 74 -9.14 6.98 11.83
N ILE A 75 -10.06 7.37 10.95
CA ILE A 75 -10.38 6.53 9.80
C ILE A 75 -10.33 7.40 8.55
N ASN A 76 -9.55 6.98 7.56
CA ASN A 76 -9.49 7.66 6.29
C ASN A 76 -10.82 7.62 5.55
N LYS A 77 -11.00 8.56 4.63
CA LYS A 77 -12.29 8.79 4.03
C LYS A 77 -12.84 7.62 3.24
N ASP A 78 -11.98 6.77 2.67
CA ASP A 78 -12.53 5.69 1.85
CA ASP A 78 -12.41 5.65 1.82
C ASP A 78 -12.74 4.41 2.63
N LEU A 79 -12.26 4.36 3.88
CA LEU A 79 -12.31 3.16 4.67
C LEU A 79 -13.70 2.96 5.31
N ALA A 80 -14.28 1.78 5.11
CA ALA A 80 -15.61 1.51 5.67
C ALA A 80 -15.53 1.40 7.18
N GLU A 81 -16.26 2.26 7.88
CA GLU A 81 -16.27 2.19 9.33
C GLU A 81 -16.71 0.82 9.78
N GLU A 82 -17.59 0.20 9.00
CA GLU A 82 -18.10 -1.11 9.34
C GLU A 82 -16.97 -2.13 9.44
N GLY A 83 -15.93 -1.94 8.62
CA GLY A 83 -14.77 -2.81 8.64
C GLY A 83 -14.04 -2.69 9.97
N VAL A 84 -13.84 -1.45 10.38
CA VAL A 84 -13.12 -1.16 11.62
C VAL A 84 -13.95 -1.66 12.80
N LEU A 85 -15.26 -1.49 12.71
CA LEU A 85 -16.16 -2.00 13.76
C LEU A 85 -16.03 -3.51 13.95
N GLU A 86 -16.03 -4.26 12.86
CA GLU A 86 -15.86 -5.72 12.92
CA GLU A 86 -15.89 -5.70 12.98
C GLU A 86 -14.57 -6.11 13.64
N GLU A 87 -13.49 -5.38 13.33
CA GLU A 87 -12.21 -5.69 13.95
C GLU A 87 -12.20 -5.29 15.43
N ALA A 88 -12.68 -4.08 15.73
CA ALA A 88 -12.78 -3.67 17.13
C ALA A 88 -13.60 -4.69 17.93
N GLU A 89 -14.65 -5.23 17.32
CA GLU A 89 -15.44 -6.24 18.01
C GLU A 89 -14.66 -7.55 18.12
N PHE A 90 -13.98 -7.94 17.04
CA PHE A 90 -13.13 -9.14 17.09
C PHE A 90 -12.03 -9.06 18.16
N TYR A 91 -11.30 -7.94 18.20
CA TYR A 91 -10.26 -7.76 19.21
C TYR A 91 -10.84 -7.43 20.58
N ASN A 92 -12.13 -7.15 20.62
CA ASN A 92 -12.81 -6.82 21.88
C ASN A 92 -12.17 -5.66 22.61
N ILE A 93 -12.11 -4.52 21.93
CA ILE A 93 -11.66 -3.29 22.55
C ILE A 93 -12.89 -2.42 22.76
N THR A 94 -13.53 -2.61 23.91
CA THR A 94 -14.84 -2.00 24.13
C THR A 94 -14.90 -0.49 23.95
N SER A 95 -13.89 0.25 24.41
CA SER A 95 -13.99 1.70 24.24
C SER A 95 -13.90 2.08 22.76
N LEU A 96 -13.17 1.29 21.98
CA LEU A 96 -13.06 1.51 20.54
C LEU A 96 -14.37 1.15 19.82
N ILE A 97 -14.96 0.03 20.21
CA ILE A 97 -16.24 -0.37 19.64
C ILE A 97 -17.24 0.77 19.76
N LYS A 98 -17.24 1.40 20.93
CA LYS A 98 -18.15 2.51 21.18
C LYS A 98 -17.87 3.69 20.25
N LEU A 99 -16.59 4.03 20.12
CA LEU A 99 -16.17 5.13 19.27
C LEU A 99 -16.59 4.91 17.82
N VAL A 100 -16.40 3.70 17.33
CA VAL A 100 -16.74 3.41 15.95
C VAL A 100 -18.25 3.46 15.74
N LYS A 101 -18.99 2.84 16.64
CA LYS A 101 -20.45 2.89 16.57
C LYS A 101 -20.98 4.32 16.68
N ASP A 102 -20.33 5.16 17.49
CA ASP A 102 -20.73 6.57 17.55
C ASP A 102 -20.45 7.23 16.21
N LYS A 103 -19.30 6.93 15.62
CA LYS A 103 -18.95 7.49 14.32
C LYS A 103 -20.00 7.13 13.28
N ILE A 104 -20.35 5.85 13.24
CA ILE A 104 -21.33 5.36 12.28
C ILE A 104 -22.68 6.07 12.42
N ARG A 105 -23.15 6.24 13.67
CA ARG A 105 -24.46 6.83 13.96
C ARG A 105 -24.64 8.29 13.54
N GLU A 106 -23.56 9.07 13.53
CA GLU A 106 -23.69 10.48 13.20
C GLU A 106 -23.84 10.64 11.70
N ARG A 107 -23.52 9.56 10.99
CA ARG A 107 -23.65 9.50 9.53
C ARG A 107 -25.08 9.77 9.01
N SER B 5 27.32 8.67 9.09
CA SER B 5 26.10 8.09 8.43
C SER B 5 25.10 9.19 8.10
N LYS B 6 25.20 9.69 6.88
CA LYS B 6 24.23 10.61 6.34
C LYS B 6 22.81 9.96 6.36
N TRP B 7 22.73 8.72 5.89
CA TRP B 7 21.43 8.05 5.71
C TRP B 7 20.95 7.42 7.00
N VAL B 8 19.66 7.53 7.26
CA VAL B 8 19.06 6.97 8.45
C VAL B 8 17.83 6.20 8.00
N ARG B 9 17.70 4.97 8.46
CA ARG B 9 16.54 4.17 8.12
C ARG B 9 15.64 4.12 9.35
N LEU B 10 14.34 4.28 9.11
CA LEU B 10 13.34 4.23 10.17
C LEU B 10 12.35 3.11 9.83
N ASN B 11 12.04 2.30 10.85
CA ASN B 11 11.02 1.29 10.71
C ASN B 11 9.84 1.81 11.54
N VAL B 12 8.90 2.45 10.85
CA VAL B 12 7.77 3.07 11.51
C VAL B 12 6.64 2.08 11.43
N GLY B 13 6.41 1.35 12.52
CA GLY B 13 5.28 0.42 12.58
C GLY B 13 5.34 -0.71 11.60
N GLY B 14 6.54 -1.04 11.11
CA GLY B 14 6.72 -2.18 10.20
C GLY B 14 6.99 -1.74 8.77
N THR B 15 6.95 -0.44 8.51
CA THR B 15 7.22 0.07 7.17
C THR B 15 8.50 0.89 7.17
N TYR B 16 9.36 0.65 6.20
CA TYR B 16 10.66 1.31 6.22
C TYR B 16 10.63 2.64 5.50
N PHE B 17 11.28 3.60 6.12
CA PHE B 17 11.48 4.91 5.54
C PHE B 17 12.98 5.17 5.48
N LEU B 18 13.40 5.83 4.41
CA LEU B 18 14.80 6.19 4.28
C LEU B 18 14.87 7.69 4.24
N THR B 19 15.73 8.25 5.07
CA THR B 19 15.92 9.66 5.05
C THR B 19 17.36 9.97 5.45
N THR B 20 17.65 11.23 5.72
CA THR B 20 19.01 11.64 6.06
C THR B 20 19.00 12.46 7.33
N ARG B 21 20.18 12.68 7.89
CA ARG B 21 20.29 13.57 9.01
C ARG B 21 19.99 15.01 8.60
N GLN B 22 20.31 15.41 7.37
CA GLN B 22 19.94 16.78 7.02
C GLN B 22 18.44 16.99 7.27
N THR B 23 17.65 15.95 7.02
CA THR B 23 16.20 16.05 7.22
C THR B 23 15.83 15.90 8.68
N LEU B 24 16.31 14.85 9.32
CA LEU B 24 15.88 14.55 10.68
C LEU B 24 16.40 15.55 11.72
N CYS B 25 17.46 16.28 11.38
CA CYS B 25 18.04 17.22 12.32
C CYS B 25 17.35 18.58 12.22
N ARG B 26 16.31 18.68 11.41
CA ARG B 26 15.73 20.00 11.17
C ARG B 26 14.97 20.63 12.32
N ASP B 27 14.40 19.81 13.20
CA ASP B 27 13.64 20.33 14.35
C ASP B 27 14.20 19.80 15.66
N PRO B 28 14.99 20.63 16.35
CA PRO B 28 15.72 20.22 17.55
C PRO B 28 14.80 19.77 18.66
N LYS B 29 13.54 20.18 18.62
CA LYS B 29 12.63 19.85 19.71
C LYS B 29 11.82 18.59 19.44
N SER B 30 12.09 17.96 18.29
CA SER B 30 11.31 16.79 17.89
C SER B 30 11.95 15.52 18.43
N PHE B 31 11.12 14.52 18.65
CA PHE B 31 11.58 13.15 18.88
C PHE B 31 12.62 12.71 17.83
N LEU B 32 12.40 13.10 16.57
CA LEU B 32 13.29 12.70 15.49
C LEU B 32 14.70 13.27 15.69
N TYR B 33 14.79 14.35 16.43
CA TYR B 33 16.11 14.92 16.72
C TYR B 33 17.03 13.93 17.49
N ARG B 34 16.46 13.09 18.36
CA ARG B 34 17.21 12.05 19.08
C ARG B 34 17.81 11.03 18.11
N LEU B 35 17.13 10.86 16.98
CA LEU B 35 17.69 10.04 15.92
C LEU B 35 18.76 10.79 15.16
N CYS B 36 18.51 12.05 14.87
CA CYS B 36 19.53 12.94 14.29
C CYS B 36 20.86 12.78 15.04
N GLN B 37 20.76 12.82 16.36
CA GLN B 37 21.91 12.86 17.22
C GLN B 37 22.47 11.48 17.49
N ALA B 38 21.78 10.45 17.00
CA ALA B 38 22.19 9.07 17.29
C ALA B 38 22.35 8.83 18.79
N ASP B 39 21.30 9.23 19.53
CA ASP B 39 21.13 9.11 20.98
C ASP B 39 21.38 7.67 21.44
N PRO B 40 22.45 7.44 22.23
CA PRO B 40 22.86 6.07 22.55
C PRO B 40 21.80 5.20 23.22
N ASP B 41 20.83 5.81 23.89
CA ASP B 41 19.80 5.00 24.53
C ASP B 41 18.72 4.52 23.54
N LEU B 42 18.76 5.03 22.30
CA LEU B 42 17.90 4.51 21.23
C LEU B 42 18.52 3.32 20.49
N ASP B 43 19.81 3.08 20.75
CA ASP B 43 20.57 1.99 20.14
C ASP B 43 19.87 0.63 20.15
N SER B 44 19.20 0.31 21.26
CA SER B 44 18.55 -1.00 21.41
C SER B 44 17.21 -1.07 20.66
N ASP B 45 16.69 0.09 20.26
CA ASP B 45 15.48 0.13 19.49
C ASP B 45 15.81 0.21 18.01
N LYS B 46 16.67 -0.69 17.54
CA LYS B 46 16.97 -0.79 16.11
C LYS B 46 16.76 -2.23 15.70
N ASP B 47 16.29 -2.44 14.49
CA ASP B 47 16.13 -3.83 14.09
C ASP B 47 17.38 -4.36 13.41
N GLU B 48 17.30 -5.56 12.88
CA GLU B 48 18.49 -6.21 12.28
C GLU B 48 19.01 -5.46 11.05
N THR B 49 18.18 -4.56 10.48
CA THR B 49 18.61 -3.79 9.33
C THR B 49 19.28 -2.50 9.76
N GLY B 50 19.32 -2.27 11.07
CA GLY B 50 19.88 -1.04 11.59
C GLY B 50 18.86 0.11 11.62
N ALA B 51 17.61 -0.19 11.27
CA ALA B 51 16.59 0.87 11.22
C ALA B 51 16.07 1.19 12.62
N TYR B 52 15.83 2.46 12.93
CA TYR B 52 15.23 2.81 14.22
C TYR B 52 13.79 2.34 14.27
N LEU B 53 13.44 1.66 15.36
CA LEU B 53 12.08 1.15 15.53
C LEU B 53 11.16 2.23 16.13
N ILE B 54 10.03 2.45 15.49
CA ILE B 54 9.09 3.46 15.94
C ILE B 54 7.69 2.89 15.94
N ASP B 55 7.04 2.97 17.09
CA ASP B 55 5.73 2.37 17.29
C ASP B 55 4.62 3.32 16.92
N ARG B 56 4.61 3.72 15.65
CA ARG B 56 3.60 4.65 15.12
C ARG B 56 3.14 4.16 13.76
N ASP B 57 2.03 4.72 13.31
CA ASP B 57 1.46 4.40 12.00
C ASP B 57 2.27 5.02 10.85
N PRO B 58 2.76 4.19 9.93
CA PRO B 58 3.62 4.72 8.88
C PRO B 58 2.83 5.55 7.86
N THR B 59 1.53 5.29 7.71
CA THR B 59 0.78 6.00 6.66
C THR B 59 0.64 7.49 6.97
N TYR B 60 0.59 7.85 8.25
CA TYR B 60 0.51 9.24 8.61
C TYR B 60 1.88 9.88 8.76
N PHE B 61 2.93 9.07 8.70
CA PHE B 61 4.30 9.60 8.82
C PHE B 61 4.75 10.33 7.57
N GLY B 62 4.26 9.89 6.42
CA GLY B 62 4.72 10.45 5.14
C GLY B 62 4.69 11.97 5.13
N PRO B 63 3.54 12.55 5.47
CA PRO B 63 3.43 14.01 5.45
C PRO B 63 4.32 14.69 6.48
N VAL B 64 4.53 14.02 7.60
CA VAL B 64 5.40 14.58 8.64
C VAL B 64 6.83 14.64 8.12
N LEU B 65 7.32 13.51 7.63
CA LEU B 65 8.68 13.44 7.09
C LEU B 65 8.85 14.40 5.88
N ASN B 66 7.83 14.49 5.02
CA ASN B 66 7.90 15.41 3.88
CA ASN B 66 7.88 15.40 3.86
C ASN B 66 7.96 16.86 4.29
N TYR B 67 7.23 17.18 5.36
CA TYR B 67 7.31 18.50 5.92
C TYR B 67 8.76 18.82 6.33
N LEU B 68 9.44 17.86 6.95
CA LEU B 68 10.84 18.11 7.31
C LEU B 68 11.71 18.27 6.05
N ARG B 69 11.36 17.56 5.00
CA ARG B 69 12.14 17.62 3.76
C ARG B 69 12.01 18.96 3.06
N HIS B 70 10.79 19.47 2.92
CA HIS B 70 10.63 20.69 2.12
C HIS B 70 9.79 21.79 2.74
N GLY B 71 9.36 21.63 3.98
CA GLY B 71 8.66 22.73 4.64
C GLY B 71 7.19 22.89 4.28
N LYS B 72 6.65 22.02 3.44
CA LYS B 72 5.26 22.13 3.05
C LYS B 72 4.45 21.00 3.64
N LEU B 73 3.25 21.33 4.07
CA LEU B 73 2.33 20.29 4.48
C LEU B 73 1.56 19.87 3.26
N VAL B 74 1.68 18.61 2.90
CA VAL B 74 0.97 18.09 1.74
C VAL B 74 0.31 16.81 2.22
N ILE B 75 -1.00 16.75 2.11
CA ILE B 75 -1.72 15.55 2.57
C ILE B 75 -2.70 15.15 1.48
N ASN B 76 -2.59 13.92 1.01
CA ASN B 76 -3.54 13.44 0.02
C ASN B 76 -4.95 13.38 0.59
N LYS B 77 -5.94 13.51 -0.29
CA LYS B 77 -7.34 13.59 0.11
C LYS B 77 -7.79 12.30 0.81
N ASP B 78 -7.07 11.21 0.56
CA ASP B 78 -7.48 9.94 1.11
C ASP B 78 -6.79 9.61 2.44
N LEU B 79 -6.21 10.64 3.09
CA LEU B 79 -5.50 10.45 4.34
C LEU B 79 -6.12 11.42 5.32
N ALA B 80 -6.58 10.92 6.45
CA ALA B 80 -7.25 11.79 7.41
C ALA B 80 -6.26 12.80 8.01
N GLU B 81 -6.59 14.08 7.92
CA GLU B 81 -5.72 15.10 8.51
C GLU B 81 -5.56 14.85 9.99
N GLU B 82 -6.60 14.32 10.62
CA GLU B 82 -6.52 14.00 12.05
C GLU B 82 -5.40 12.98 12.35
N GLY B 83 -5.13 12.09 11.40
CA GLY B 83 -4.07 11.10 11.60
C GLY B 83 -2.70 11.78 11.56
N VAL B 84 -2.53 12.72 10.63
CA VAL B 84 -1.30 13.45 10.52
C VAL B 84 -1.12 14.29 11.80
N LEU B 85 -2.20 14.88 12.29
CA LEU B 85 -2.10 15.69 13.52
C LEU B 85 -1.53 14.84 14.64
N GLU B 86 -2.09 13.64 14.82
CA GLU B 86 -1.62 12.82 15.92
C GLU B 86 -0.13 12.57 15.78
N GLU B 87 0.33 12.39 14.55
CA GLU B 87 1.76 12.12 14.34
C GLU B 87 2.59 13.39 14.55
N ALA B 88 2.13 14.53 14.06
CA ALA B 88 2.84 15.79 14.32
C ALA B 88 2.96 16.05 15.82
N GLU B 89 1.91 15.73 16.58
CA GLU B 89 2.00 15.80 18.03
C GLU B 89 2.99 14.82 18.65
N PHE B 90 2.92 13.54 18.24
CA PHE B 90 3.84 12.59 18.80
C PHE B 90 5.31 12.98 18.52
N TYR B 91 5.61 13.39 17.29
CA TYR B 91 6.99 13.70 16.96
C TYR B 91 7.37 15.09 17.45
N ASN B 92 6.37 15.81 17.96
CA ASN B 92 6.53 17.15 18.51
C ASN B 92 7.13 18.15 17.55
N ILE B 93 6.55 18.27 16.36
CA ILE B 93 7.00 19.24 15.40
C ILE B 93 5.98 20.37 15.47
N THR B 94 6.28 21.37 16.27
CA THR B 94 5.26 22.31 16.65
C THR B 94 4.75 23.17 15.49
N SER B 95 5.63 23.51 14.56
CA SER B 95 5.17 24.33 13.43
C SER B 95 4.24 23.49 12.56
N LEU B 96 4.49 22.18 12.51
CA LEU B 96 3.65 21.30 11.73
C LEU B 96 2.33 21.06 12.44
N ILE B 97 2.35 21.00 13.77
CA ILE B 97 1.09 20.80 14.50
C ILE B 97 0.15 21.95 14.17
N LYS B 98 0.71 23.16 14.17
CA LYS B 98 -0.06 24.35 13.85
C LYS B 98 -0.61 24.31 12.42
N LEU B 99 0.22 23.92 11.45
CA LEU B 99 -0.25 23.83 10.06
C LEU B 99 -1.40 22.85 9.92
N VAL B 100 -1.31 21.69 10.58
CA VAL B 100 -2.35 20.69 10.44
C VAL B 100 -3.63 21.15 11.12
N LYS B 101 -3.49 21.72 12.31
CA LYS B 101 -4.65 22.26 13.01
C LYS B 101 -5.32 23.34 12.18
N ASP B 102 -4.53 24.18 11.52
CA ASP B 102 -5.08 25.25 10.70
C ASP B 102 -5.84 24.67 9.53
N LYS B 103 -5.26 23.63 8.92
CA LYS B 103 -5.83 23.02 7.76
C LYS B 103 -7.18 22.43 8.14
N ILE B 104 -7.21 21.73 9.26
CA ILE B 104 -8.43 21.13 9.76
C ILE B 104 -9.49 22.21 10.00
N ARG B 105 -9.05 23.39 10.46
CA ARG B 105 -9.96 24.50 10.75
C ARG B 105 -10.55 25.08 9.47
N GLU B 106 -9.78 25.06 8.39
CA GLU B 106 -10.20 25.75 7.17
C GLU B 106 -11.31 24.98 6.50
N ARG B 107 -11.52 23.73 6.93
CA ARG B 107 -12.58 22.88 6.36
C ARG B 107 -13.91 23.61 6.28
N LYS C 6 21.46 -1.53 -18.02
CA LYS C 6 20.17 -0.96 -18.58
C LYS C 6 19.16 -0.65 -17.48
N TRP C 7 19.01 -1.60 -16.55
CA TRP C 7 18.05 -1.45 -15.45
C TRP C 7 18.67 -0.64 -14.30
N VAL C 8 17.91 0.26 -13.72
CA VAL C 8 18.39 1.10 -12.64
C VAL C 8 17.37 1.01 -11.51
N ARG C 9 17.83 0.79 -10.29
CA ARG C 9 16.93 0.70 -9.15
C ARG C 9 17.11 1.96 -8.33
N LEU C 10 16.00 2.51 -7.86
CA LEU C 10 16.02 3.75 -7.08
C LEU C 10 15.35 3.43 -5.74
N ASN C 11 15.99 3.83 -4.65
CA ASN C 11 15.41 3.74 -3.34
C ASN C 11 14.94 5.13 -2.99
N VAL C 12 13.67 5.43 -3.28
CA VAL C 12 13.14 6.74 -3.00
C VAL C 12 12.42 6.77 -1.65
N GLY C 13 13.10 7.31 -0.63
CA GLY C 13 12.49 7.45 0.67
C GLY C 13 12.15 6.12 1.32
N GLY C 14 12.78 5.06 0.86
CA GLY C 14 12.55 3.72 1.44
C GLY C 14 11.76 2.78 0.56
N THR C 15 11.23 3.31 -0.55
CA THR C 15 10.45 2.51 -1.48
C THR C 15 11.24 2.33 -2.77
N TYR C 16 11.34 1.09 -3.25
CA TYR C 16 12.12 0.83 -4.47
C TYR C 16 11.33 1.04 -5.76
N PHE C 17 11.97 1.66 -6.75
CA PHE C 17 11.43 1.79 -8.09
C PHE C 17 12.42 1.17 -9.05
N LEU C 18 11.90 0.44 -10.02
CA LEU C 18 12.77 -0.19 -11.02
C LEU C 18 12.48 0.56 -12.29
N THR C 19 13.52 1.10 -12.92
CA THR C 19 13.35 1.72 -14.21
C THR C 19 14.57 1.46 -15.08
N THR C 20 14.70 2.24 -16.14
CA THR C 20 15.80 2.02 -17.08
C THR C 20 16.56 3.32 -17.32
N ARG C 21 17.79 3.19 -17.82
CA ARG C 21 18.56 4.38 -18.15
C ARG C 21 17.84 5.23 -19.18
N GLN C 22 17.20 4.59 -20.16
CA GLN C 22 16.48 5.32 -21.20
C GLN C 22 15.44 6.25 -20.56
N THR C 23 14.73 5.75 -19.57
CA THR C 23 13.73 6.56 -18.91
C THR C 23 14.35 7.71 -18.14
N LEU C 24 15.36 7.39 -17.33
CA LEU C 24 15.96 8.40 -16.48
C LEU C 24 16.77 9.40 -17.32
N CYS C 25 17.08 9.02 -18.56
CA CYS C 25 17.79 9.92 -19.48
C CYS C 25 16.89 10.89 -20.22
N ARG C 26 15.57 10.76 -20.08
CA ARG C 26 14.65 11.50 -20.94
C ARG C 26 14.95 12.99 -20.92
N ASP C 27 15.22 13.54 -19.72
CA ASP C 27 15.51 14.97 -19.59
C ASP C 27 16.94 15.17 -19.07
N PRO C 28 17.88 15.45 -20.00
CA PRO C 28 19.29 15.55 -19.60
C PRO C 28 19.53 16.64 -18.56
N LYS C 29 18.59 17.59 -18.44
CA LYS C 29 18.76 18.69 -17.48
C LYS C 29 18.33 18.31 -16.07
N SER C 30 17.68 17.17 -15.94
CA SER C 30 17.20 16.73 -14.64
C SER C 30 18.30 16.20 -13.73
N PHE C 31 18.06 16.31 -12.42
CA PHE C 31 18.80 15.66 -11.31
C PHE C 31 18.99 14.16 -11.57
N LEU C 32 18.02 13.55 -12.24
CA LEU C 32 18.01 12.13 -12.45
C LEU C 32 18.95 11.72 -13.58
N TYR C 33 19.27 12.67 -14.45
CA TYR C 33 20.18 12.39 -15.57
C TYR C 33 21.52 11.74 -15.15
N ARG C 34 22.08 12.13 -14.01
CA ARG C 34 23.35 11.49 -13.60
C ARG C 34 23.25 9.99 -13.32
N LEU C 35 22.02 9.50 -13.15
CA LEU C 35 21.79 8.12 -12.77
C LEU C 35 21.56 7.25 -14.00
N CYS C 36 21.63 7.83 -15.18
CA CYS C 36 21.31 7.06 -16.37
C CYS C 36 22.51 6.83 -17.31
N GLN C 37 23.70 7.11 -16.80
CA GLN C 37 24.92 6.97 -17.61
C GLN C 37 25.44 5.53 -17.55
N SER C 44 26.61 9.50 -6.13
CA SER C 44 25.35 9.13 -5.50
C SER C 44 25.48 7.85 -4.68
N ASP C 45 24.94 7.87 -3.47
CA ASP C 45 25.02 6.71 -2.61
C ASP C 45 24.04 5.65 -3.10
N LYS C 46 24.41 4.40 -2.83
CA LYS C 46 23.61 3.25 -3.15
C LYS C 46 23.53 2.41 -1.90
N ASP C 47 22.42 1.69 -1.71
CA ASP C 47 22.38 0.74 -0.63
C ASP C 47 22.92 -0.61 -1.11
N GLU C 48 22.93 -1.58 -0.22
CA GLU C 48 23.53 -2.89 -0.50
C GLU C 48 22.85 -3.58 -1.67
N THR C 49 21.67 -3.12 -2.07
CA THR C 49 20.99 -3.69 -3.22
C THR C 49 21.41 -3.03 -4.53
N GLY C 50 22.28 -2.01 -4.47
CA GLY C 50 22.71 -1.30 -5.69
C GLY C 50 21.74 -0.20 -6.12
N ALA C 51 20.72 0.06 -5.30
CA ALA C 51 19.76 1.12 -5.59
C ALA C 51 20.32 2.47 -5.23
N TYR C 52 20.04 3.47 -6.05
CA TYR C 52 20.45 4.83 -5.67
C TYR C 52 19.53 5.36 -4.56
N LEU C 53 20.12 6.00 -3.56
CA LEU C 53 19.36 6.49 -2.42
C LEU C 53 18.89 7.91 -2.66
N ILE C 54 17.60 8.15 -2.42
CA ILE C 54 17.03 9.46 -2.65
C ILE C 54 16.15 9.80 -1.45
N ASP C 55 16.43 10.95 -0.84
CA ASP C 55 15.73 11.36 0.39
C ASP C 55 14.49 12.17 0.02
N ARG C 56 13.53 11.54 -0.65
CA ARG C 56 12.29 12.21 -1.07
C ARG C 56 11.11 11.23 -0.96
N ASP C 57 9.90 11.78 -1.08
CA ASP C 57 8.68 11.01 -0.94
C ASP C 57 8.43 10.10 -2.16
N PRO C 58 8.24 8.80 -1.92
CA PRO C 58 8.01 7.89 -3.03
C PRO C 58 6.62 8.03 -3.63
N THR C 59 5.65 8.54 -2.86
CA THR C 59 4.29 8.61 -3.42
C THR C 59 4.22 9.65 -4.53
N TYR C 60 4.87 10.77 -4.31
CA TYR C 60 4.87 11.80 -5.33
C TYR C 60 5.87 11.49 -6.42
N PHE C 61 6.76 10.53 -6.20
CA PHE C 61 7.70 10.15 -7.23
C PHE C 61 6.99 9.46 -8.40
N GLY C 62 5.94 8.70 -8.09
CA GLY C 62 5.26 7.90 -9.11
C GLY C 62 4.95 8.71 -10.36
N PRO C 63 4.23 9.82 -10.21
CA PRO C 63 3.91 10.58 -11.42
C PRO C 63 5.12 11.23 -12.08
N VAL C 64 6.18 11.50 -11.31
CA VAL C 64 7.38 12.06 -11.93
C VAL C 64 8.00 11.04 -12.87
N LEU C 65 8.15 9.83 -12.36
CA LEU C 65 8.76 8.77 -13.11
C LEU C 65 7.88 8.34 -14.28
N ASN C 66 6.55 8.40 -14.10
CA ASN C 66 5.63 8.09 -15.18
C ASN C 66 5.74 9.10 -16.29
N TYR C 67 5.87 10.35 -15.89
CA TYR C 67 6.11 11.37 -16.90
C TYR C 67 7.39 11.11 -17.70
N LEU C 68 8.45 10.70 -17.04
CA LEU C 68 9.67 10.36 -17.78
C LEU C 68 9.42 9.17 -18.70
N ARG C 69 8.57 8.25 -18.27
CA ARG C 69 8.26 7.08 -19.10
C ARG C 69 7.45 7.40 -20.35
N HIS C 70 6.41 8.20 -20.22
CA HIS C 70 5.54 8.42 -21.39
C HIS C 70 5.20 9.88 -21.70
N GLY C 71 5.81 10.80 -20.98
CA GLY C 71 5.63 12.23 -21.29
C GLY C 71 4.31 12.88 -20.90
N LYS C 72 3.47 12.15 -20.18
CA LYS C 72 2.18 12.70 -19.75
C LYS C 72 2.21 12.92 -18.25
N LEU C 73 1.55 13.99 -17.81
CA LEU C 73 1.31 14.18 -16.38
C LEU C 73 0.03 13.44 -16.02
N VAL C 74 0.15 12.46 -15.13
CA VAL C 74 -1.01 11.68 -14.75
C VAL C 74 -1.10 11.67 -13.25
N ILE C 75 -2.17 12.23 -12.75
CA ILE C 75 -2.33 12.42 -11.32
C ILE C 75 -3.70 11.86 -10.91
N ASN C 76 -3.67 10.85 -10.06
CA ASN C 76 -4.90 10.29 -9.50
C ASN C 76 -5.63 11.33 -8.67
N LYS C 77 -6.93 11.12 -8.54
CA LYS C 77 -7.81 12.12 -7.98
C LYS C 77 -7.48 12.48 -6.53
N ASP C 78 -7.00 11.48 -5.78
CA ASP C 78 -6.74 11.75 -4.37
CA ASP C 78 -6.65 11.57 -4.37
C ASP C 78 -5.33 12.30 -4.12
N LEU C 79 -4.46 12.26 -5.13
CA LEU C 79 -3.07 12.69 -4.96
C LEU C 79 -2.94 14.20 -5.08
N ALA C 80 -2.30 14.82 -4.09
CA ALA C 80 -2.13 16.27 -4.10
C ALA C 80 -1.14 16.71 -5.16
N GLU C 81 -1.61 17.52 -6.09
CA GLU C 81 -0.75 18.02 -7.13
C GLU C 81 0.44 18.78 -6.54
N GLU C 82 0.25 19.41 -5.39
CA GLU C 82 1.30 20.19 -4.77
C GLU C 82 2.46 19.27 -4.39
N GLY C 83 2.14 18.00 -4.15
CA GLY C 83 3.17 17.02 -3.77
C GLY C 83 4.02 16.71 -4.98
N VAL C 84 3.36 16.62 -6.13
CA VAL C 84 4.05 16.28 -7.34
C VAL C 84 4.86 17.49 -7.80
N LEU C 85 4.31 18.70 -7.58
CA LEU C 85 5.06 19.88 -7.93
C LEU C 85 6.38 19.98 -7.15
N GLU C 86 6.37 19.69 -5.85
CA GLU C 86 7.61 19.75 -5.05
C GLU C 86 8.66 18.82 -5.61
N GLU C 87 8.24 17.63 -6.01
CA GLU C 87 9.17 16.63 -6.55
C GLU C 87 9.67 17.04 -7.93
N ALA C 88 8.77 17.53 -8.77
CA ALA C 88 9.20 17.98 -10.12
C ALA C 88 10.24 19.09 -10.02
N GLU C 89 10.05 19.98 -9.05
CA GLU C 89 11.03 21.01 -8.78
C GLU C 89 12.32 20.44 -8.23
N PHE C 90 12.23 19.51 -7.28
CA PHE C 90 13.43 18.92 -6.68
C PHE C 90 14.28 18.21 -7.73
N TYR C 91 13.62 17.43 -8.59
CA TYR C 91 14.35 16.72 -9.65
C TYR C 91 14.68 17.62 -10.86
N ASN C 92 14.26 18.86 -10.82
CA ASN C 92 14.50 19.82 -11.91
C ASN C 92 14.06 19.30 -13.28
N ILE C 93 12.81 18.89 -13.39
CA ILE C 93 12.26 18.49 -14.68
C ILE C 93 11.36 19.62 -15.16
N THR C 94 11.93 20.53 -15.93
CA THR C 94 11.28 21.81 -16.10
C THR C 94 9.95 21.69 -16.84
N SER C 95 9.87 20.79 -17.82
CA SER C 95 8.62 20.65 -18.56
C SER C 95 7.51 20.11 -17.64
N LEU C 96 7.87 19.20 -16.73
CA LEU C 96 6.91 18.67 -15.76
C LEU C 96 6.47 19.72 -14.73
N ILE C 97 7.43 20.51 -14.26
CA ILE C 97 7.08 21.57 -13.34
C ILE C 97 5.99 22.44 -13.98
N LYS C 98 6.16 22.77 -15.26
CA LYS C 98 5.16 23.62 -15.91
C LYS C 98 3.79 22.94 -16.01
N LEU C 99 3.77 21.66 -16.39
CA LEU C 99 2.51 20.91 -16.45
C LEU C 99 1.80 20.89 -15.11
N VAL C 100 2.53 20.62 -14.04
CA VAL C 100 1.89 20.59 -12.74
C VAL C 100 1.37 21.95 -12.33
N LYS C 101 2.18 22.99 -12.55
CA LYS C 101 1.72 24.32 -12.19
C LYS C 101 0.46 24.63 -12.98
N ASP C 102 0.46 24.24 -14.24
CA ASP C 102 -0.68 24.51 -15.11
C ASP C 102 -1.91 23.80 -14.57
N LYS C 103 -1.75 22.54 -14.23
CA LYS C 103 -2.85 21.76 -13.67
C LYS C 103 -3.37 22.43 -12.40
N ILE C 104 -2.48 22.96 -11.58
CA ILE C 104 -2.93 23.59 -10.35
C ILE C 104 -3.69 24.90 -10.62
N ARG C 105 -3.29 25.62 -11.65
CA ARG C 105 -3.91 26.91 -11.97
C ARG C 105 -5.32 26.67 -12.46
N GLU C 106 -5.49 25.59 -13.20
CA GLU C 106 -6.76 25.28 -13.84
C GLU C 106 -7.76 24.66 -12.85
N ARG C 107 -7.34 24.50 -11.59
CA ARG C 107 -8.26 24.19 -10.50
C ARG C 107 -9.15 25.38 -10.15
N SER D 5 6.32 -23.86 -17.96
CA SER D 5 6.05 -22.88 -16.85
C SER D 5 4.66 -22.24 -16.94
N LYS D 6 3.68 -22.80 -16.23
CA LYS D 6 2.35 -22.21 -16.24
C LYS D 6 2.36 -20.79 -15.66
N TRP D 7 3.11 -20.60 -14.58
CA TRP D 7 3.05 -19.35 -13.82
C TRP D 7 4.11 -18.37 -14.29
N VAL D 8 3.70 -17.12 -14.47
CA VAL D 8 4.65 -16.10 -14.86
C VAL D 8 4.63 -14.96 -13.86
N ARG D 9 5.81 -14.54 -13.45
CA ARG D 9 5.97 -13.39 -12.58
C ARG D 9 6.50 -12.20 -13.37
N LEU D 10 5.92 -11.03 -13.13
CA LEU D 10 6.29 -9.82 -13.83
C LEU D 10 6.73 -8.81 -12.79
N ASN D 11 7.87 -8.18 -13.03
CA ASN D 11 8.30 -7.11 -12.17
C ASN D 11 8.04 -5.81 -12.90
N VAL D 12 6.91 -5.20 -12.61
CA VAL D 12 6.52 -3.98 -13.29
C VAL D 12 6.93 -2.82 -12.39
N GLY D 13 7.99 -2.12 -12.79
CA GLY D 13 8.45 -0.94 -12.07
C GLY D 13 8.86 -1.21 -10.64
N GLY D 14 9.15 -2.46 -10.33
CA GLY D 14 9.58 -2.83 -8.97
C GLY D 14 8.51 -3.54 -8.15
N THR D 15 7.31 -3.68 -8.71
CA THR D 15 6.22 -4.35 -8.01
C THR D 15 5.91 -5.64 -8.73
N TYR D 16 5.79 -6.73 -7.99
CA TYR D 16 5.58 -8.04 -8.60
C TYR D 16 4.11 -8.34 -8.86
N PHE D 17 3.85 -8.90 -10.03
CA PHE D 17 2.54 -9.44 -10.36
C PHE D 17 2.71 -10.90 -10.73
N LEU D 18 1.75 -11.71 -10.31
CA LEU D 18 1.74 -13.11 -10.65
C LEU D 18 0.59 -13.37 -11.62
N THR D 19 0.89 -14.05 -12.72
CA THR D 19 -0.17 -14.41 -13.65
C THR D 19 0.19 -15.71 -14.36
N THR D 20 -0.59 -16.09 -15.37
CA THR D 20 -0.31 -17.33 -16.09
C THR D 20 -0.05 -17.07 -17.56
N ARG D 21 0.71 -17.96 -18.18
CA ARG D 21 0.91 -17.91 -19.60
C ARG D 21 -0.44 -17.83 -20.31
N GLN D 22 -1.39 -18.62 -19.84
CA GLN D 22 -2.73 -18.59 -20.39
C GLN D 22 -3.26 -17.15 -20.49
N THR D 23 -3.13 -16.40 -19.40
CA THR D 23 -3.58 -15.03 -19.36
C THR D 23 -2.79 -14.14 -20.32
N LEU D 24 -1.47 -14.32 -20.36
CA LEU D 24 -0.59 -13.45 -21.16
C LEU D 24 -0.57 -13.81 -22.63
N CYS D 25 -0.96 -15.04 -22.95
CA CYS D 25 -0.96 -15.50 -24.34
C CYS D 25 -2.34 -15.26 -24.94
N ARG D 26 -3.09 -14.35 -24.33
CA ARG D 26 -4.46 -14.05 -24.77
C ARG D 26 -4.49 -13.28 -26.07
N ASP D 27 -3.84 -12.13 -26.09
CA ASP D 27 -3.76 -11.29 -27.27
C ASP D 27 -2.36 -11.40 -27.89
N PRO D 28 -2.24 -12.05 -29.05
CA PRO D 28 -0.93 -12.29 -29.62
C PRO D 28 -0.27 -11.00 -30.14
N LYS D 29 -1.03 -9.92 -30.23
CA LYS D 29 -0.43 -8.64 -30.63
C LYS D 29 0.14 -7.85 -29.46
N SER D 30 -0.07 -8.33 -28.24
CA SER D 30 0.32 -7.51 -27.10
C SER D 30 1.78 -7.68 -26.75
N PHE D 31 2.31 -6.66 -26.10
CA PHE D 31 3.68 -6.62 -25.63
C PHE D 31 3.94 -7.82 -24.75
N LEU D 32 2.94 -8.16 -23.94
CA LEU D 32 3.07 -9.22 -22.97
C LEU D 32 3.10 -10.60 -23.64
N TYR D 33 2.40 -10.73 -24.77
CA TYR D 33 2.42 -11.99 -25.50
C TYR D 33 3.86 -12.23 -25.84
N ARG D 34 4.50 -11.13 -26.26
CA ARG D 34 5.81 -11.22 -26.85
C ARG D 34 6.72 -11.83 -25.80
N LEU D 35 6.13 -12.31 -24.71
CA LEU D 35 6.91 -12.98 -23.66
C LEU D 35 6.11 -14.03 -22.92
N CYS D 36 5.57 -15.00 -23.66
CA CYS D 36 4.84 -16.14 -23.08
C CYS D 36 4.76 -17.30 -24.07
N ASP D 45 15.34 -10.51 -20.03
CA ASP D 45 15.51 -9.53 -18.94
C ASP D 45 14.66 -9.86 -17.74
N LYS D 46 15.24 -10.63 -16.85
CA LYS D 46 14.54 -11.09 -15.67
C LYS D 46 15.39 -10.69 -14.49
N ASP D 47 14.79 -10.51 -13.32
CA ASP D 47 15.59 -10.23 -12.16
C ASP D 47 15.96 -11.56 -11.51
N GLU D 48 16.67 -11.49 -10.40
CA GLU D 48 17.24 -12.69 -9.79
C GLU D 48 16.17 -13.66 -9.31
N THR D 49 14.90 -13.25 -9.37
CA THR D 49 13.79 -14.12 -8.97
C THR D 49 13.11 -14.77 -10.18
N GLY D 50 13.60 -14.47 -11.38
CA GLY D 50 12.97 -14.98 -12.61
C GLY D 50 11.82 -14.13 -13.14
N ALA D 51 11.50 -13.05 -12.45
CA ALA D 51 10.43 -12.19 -12.91
C ALA D 51 10.89 -11.37 -14.12
N TYR D 52 10.02 -11.25 -15.11
CA TYR D 52 10.28 -10.44 -16.29
C TYR D 52 10.20 -8.97 -15.93
N LEU D 53 11.22 -8.20 -16.32
CA LEU D 53 11.30 -6.80 -15.93
C LEU D 53 10.59 -5.93 -16.92
N ILE D 54 9.79 -5.00 -16.41
CA ILE D 54 9.05 -4.08 -17.26
C ILE D 54 9.18 -2.68 -16.66
N ASP D 55 9.55 -1.72 -17.51
CA ASP D 55 9.79 -0.37 -17.03
C ASP D 55 8.52 0.46 -17.18
N ARG D 56 7.49 0.15 -16.40
CA ARG D 56 6.21 0.86 -16.48
C ARG D 56 5.62 0.98 -15.08
N ASP D 57 4.58 1.80 -14.93
CA ASP D 57 4.00 2.05 -13.61
C ASP D 57 3.12 0.87 -13.21
N PRO D 58 3.41 0.25 -12.07
CA PRO D 58 2.62 -0.90 -11.67
C PRO D 58 1.22 -0.49 -11.21
N THR D 59 1.03 0.75 -10.78
CA THR D 59 -0.28 1.10 -10.23
C THR D 59 -1.35 1.14 -11.32
N TYR D 60 -0.94 1.33 -12.56
CA TYR D 60 -1.90 1.34 -13.66
C TYR D 60 -1.96 0.00 -14.39
N PHE D 61 -1.11 -0.92 -13.98
CA PHE D 61 -1.03 -2.23 -14.62
C PHE D 61 -2.19 -3.13 -14.22
N GLY D 62 -2.69 -2.97 -13.00
CA GLY D 62 -3.77 -3.82 -12.47
C GLY D 62 -4.95 -4.05 -13.38
N PRO D 63 -5.56 -2.96 -13.84
CA PRO D 63 -6.67 -3.01 -14.79
C PRO D 63 -6.28 -3.65 -16.13
N VAL D 64 -5.04 -3.47 -16.57
CA VAL D 64 -4.60 -4.12 -17.82
C VAL D 64 -4.55 -5.64 -17.66
N LEU D 65 -3.87 -6.08 -16.61
CA LEU D 65 -3.71 -7.51 -16.37
C LEU D 65 -5.08 -8.13 -16.12
N ASN D 66 -5.91 -7.43 -15.36
CA ASN D 66 -7.25 -7.95 -15.11
C ASN D 66 -8.07 -8.06 -16.38
N TYR D 67 -7.90 -7.08 -17.26
CA TYR D 67 -8.58 -7.15 -18.53
C TYR D 67 -8.17 -8.42 -19.28
N LEU D 68 -6.87 -8.74 -19.26
CA LEU D 68 -6.40 -9.97 -19.86
C LEU D 68 -7.00 -11.19 -19.18
N ARG D 69 -7.19 -11.10 -17.87
CA ARG D 69 -7.75 -12.22 -17.12
C ARG D 69 -9.21 -12.49 -17.48
N HIS D 70 -10.05 -11.47 -17.41
CA HIS D 70 -11.49 -11.75 -17.48
C HIS D 70 -12.23 -10.85 -18.46
N GLY D 71 -11.49 -10.19 -19.34
CA GLY D 71 -12.09 -9.42 -20.42
C GLY D 71 -12.87 -8.16 -20.03
N LYS D 72 -12.87 -7.83 -18.76
CA LYS D 72 -13.59 -6.64 -18.33
C LYS D 72 -12.64 -5.54 -17.93
N LEU D 73 -12.97 -4.29 -18.27
CA LEU D 73 -12.21 -3.17 -17.76
C LEU D 73 -12.80 -2.74 -16.44
N VAL D 74 -12.00 -2.83 -15.39
CA VAL D 74 -12.41 -2.38 -14.07
C VAL D 74 -11.32 -1.45 -13.58
N ILE D 75 -11.68 -0.20 -13.31
CA ILE D 75 -10.73 0.78 -12.79
C ILE D 75 -11.26 1.32 -11.48
N ASN D 76 -10.49 1.20 -10.41
CA ASN D 76 -10.92 1.77 -9.13
C ASN D 76 -11.05 3.29 -9.20
N LYS D 77 -11.99 3.82 -8.40
CA LYS D 77 -12.35 5.25 -8.39
C LYS D 77 -11.16 6.19 -8.31
N ASP D 78 -10.12 5.78 -7.61
CA ASP D 78 -8.95 6.61 -7.37
C ASP D 78 -8.15 6.85 -8.66
N LEU D 79 -7.96 5.75 -9.38
CA LEU D 79 -7.02 5.66 -10.48
C LEU D 79 -7.41 6.53 -11.67
N ALA D 80 -6.49 7.37 -12.14
CA ALA D 80 -6.76 8.18 -13.31
C ALA D 80 -6.87 7.28 -14.56
N GLU D 81 -7.94 7.46 -15.32
CA GLU D 81 -8.14 6.68 -16.54
C GLU D 81 -7.02 6.89 -17.54
N GLU D 82 -6.54 8.12 -17.60
CA GLU D 82 -5.42 8.47 -18.45
C GLU D 82 -4.19 7.61 -18.15
N GLY D 83 -3.99 7.25 -16.88
CA GLY D 83 -2.84 6.39 -16.54
C GLY D 83 -3.04 4.99 -17.10
N VAL D 84 -4.26 4.49 -16.97
CA VAL D 84 -4.58 3.17 -17.52
C VAL D 84 -4.46 3.20 -19.06
N LEU D 85 -4.91 4.28 -19.68
CA LEU D 85 -4.80 4.42 -21.13
C LEU D 85 -3.34 4.30 -21.59
N GLU D 86 -2.44 5.06 -20.97
CA GLU D 86 -1.03 4.99 -21.33
C GLU D 86 -0.55 3.55 -21.28
N GLU D 87 -1.00 2.81 -20.28
CA GLU D 87 -0.52 1.42 -20.16
C GLU D 87 -1.11 0.55 -21.25
N ALA D 88 -2.41 0.71 -21.51
CA ALA D 88 -3.09 -0.11 -22.51
C ALA D 88 -2.41 0.11 -23.87
N GLU D 89 -2.02 1.36 -24.12
CA GLU D 89 -1.30 1.70 -25.34
C GLU D 89 0.10 1.10 -25.39
N PHE D 90 0.83 1.20 -24.29
CA PHE D 90 2.14 0.58 -24.23
C PHE D 90 2.09 -0.92 -24.43
N TYR D 91 1.18 -1.60 -23.74
CA TYR D 91 1.11 -3.06 -23.86
C TYR D 91 0.42 -3.45 -25.18
N ASN D 92 -0.08 -2.46 -25.90
CA ASN D 92 -0.70 -2.69 -27.21
C ASN D 92 -1.91 -3.62 -27.15
N ILE D 93 -2.82 -3.37 -26.23
CA ILE D 93 -4.02 -4.17 -26.15
C ILE D 93 -5.14 -3.33 -26.75
N THR D 94 -5.34 -3.46 -28.06
CA THR D 94 -6.16 -2.50 -28.79
C THR D 94 -7.63 -2.40 -28.33
N SER D 95 -8.24 -3.53 -27.98
CA SER D 95 -9.62 -3.47 -27.51
C SER D 95 -9.73 -2.80 -26.15
N LEU D 96 -8.67 -2.90 -25.35
CA LEU D 96 -8.66 -2.25 -24.05
C LEU D 96 -8.48 -0.76 -24.26
N ILE D 97 -7.60 -0.40 -25.19
CA ILE D 97 -7.38 1.01 -25.46
C ILE D 97 -8.72 1.65 -25.78
N LYS D 98 -9.52 0.95 -26.59
CA LYS D 98 -10.80 1.47 -27.01
C LYS D 98 -11.74 1.67 -25.82
N LEU D 99 -11.78 0.67 -24.93
CA LEU D 99 -12.61 0.72 -23.74
C LEU D 99 -12.23 1.88 -22.82
N VAL D 100 -10.91 2.13 -22.70
CA VAL D 100 -10.47 3.23 -21.83
C VAL D 100 -10.78 4.59 -22.43
N LYS D 101 -10.52 4.73 -23.72
CA LYS D 101 -10.89 5.98 -24.41
C LYS D 101 -12.37 6.29 -24.25
N ASP D 102 -13.20 5.26 -24.31
CA ASP D 102 -14.66 5.43 -24.12
C ASP D 102 -14.91 6.05 -22.74
N LYS D 103 -14.30 5.44 -21.72
CA LYS D 103 -14.54 5.82 -20.35
C LYS D 103 -14.15 7.30 -20.17
N ILE D 104 -13.04 7.69 -20.79
CA ILE D 104 -12.59 9.07 -20.72
C ILE D 104 -13.51 10.02 -21.49
N ARG D 105 -13.96 9.59 -22.67
CA ARG D 105 -14.77 10.45 -23.54
C ARG D 105 -16.12 10.77 -22.90
N GLU D 106 -16.57 9.90 -22.01
CA GLU D 106 -17.91 10.06 -21.47
C GLU D 106 -17.98 10.73 -20.09
N ARG D 107 -16.84 11.11 -19.54
CA ARG D 107 -16.85 11.90 -18.30
C ARG D 107 -18.00 12.89 -18.20
N SER E 5 -0.35 -27.62 8.83
CA SER E 5 -0.71 -26.53 9.77
C SER E 5 -2.05 -25.90 9.43
N LYS E 6 -2.71 -25.37 10.45
CA LYS E 6 -3.94 -24.57 10.32
C LYS E 6 -3.76 -23.35 9.39
N TRP E 7 -2.52 -22.86 9.29
CA TRP E 7 -2.28 -21.62 8.58
C TRP E 7 -2.06 -21.88 7.11
N VAL E 8 -2.67 -21.03 6.28
CA VAL E 8 -2.63 -21.18 4.84
C VAL E 8 -2.25 -19.85 4.22
N ARG E 9 -1.24 -19.88 3.36
CA ARG E 9 -0.80 -18.69 2.67
C ARG E 9 -1.23 -18.75 1.22
N LEU E 10 -1.76 -17.62 0.74
CA LEU E 10 -2.19 -17.47 -0.64
C LEU E 10 -1.41 -16.35 -1.31
N ASN E 11 -0.93 -16.61 -2.53
CA ASN E 11 -0.35 -15.54 -3.33
C ASN E 11 -1.37 -15.24 -4.40
N VAL E 12 -2.11 -14.17 -4.22
CA VAL E 12 -3.17 -13.82 -5.13
C VAL E 12 -2.70 -12.71 -6.05
N GLY E 13 -2.33 -13.08 -7.27
CA GLY E 13 -1.94 -12.08 -8.28
C GLY E 13 -0.69 -11.34 -7.89
N GLY E 14 0.06 -11.91 -6.96
CA GLY E 14 1.31 -11.31 -6.50
C GLY E 14 1.30 -10.76 -5.08
N THR E 15 0.13 -10.73 -4.46
CA THR E 15 -0.01 -10.24 -3.07
C THR E 15 -0.34 -11.36 -2.12
N TYR E 16 0.41 -11.44 -1.02
CA TYR E 16 0.27 -12.53 -0.06
C TYR E 16 -0.82 -12.27 0.97
N PHE E 17 -1.64 -13.29 1.16
CA PHE E 17 -2.65 -13.26 2.18
C PHE E 17 -2.40 -14.41 3.11
N LEU E 18 -2.67 -14.19 4.38
CA LEU E 18 -2.54 -15.26 5.33
C LEU E 18 -3.93 -15.51 5.90
N THR E 19 -4.33 -16.78 5.94
CA THR E 19 -5.61 -17.10 6.53
C THR E 19 -5.50 -18.48 7.13
N THR E 20 -6.63 -19.06 7.55
CA THR E 20 -6.59 -20.39 8.14
C THR E 20 -7.47 -21.31 7.33
N ARG E 21 -7.26 -22.61 7.49
CA ARG E 21 -8.13 -23.58 6.87
C ARG E 21 -9.60 -23.40 7.28
N GLN E 22 -9.84 -23.01 8.52
CA GLN E 22 -11.22 -22.84 8.98
C GLN E 22 -11.93 -21.78 8.16
N THR E 23 -11.19 -20.74 7.78
CA THR E 23 -11.78 -19.67 6.99
C THR E 23 -12.06 -20.16 5.59
N LEU E 24 -11.08 -20.85 5.00
CA LEU E 24 -11.21 -21.36 3.64
C LEU E 24 -12.17 -22.56 3.55
N CYS E 25 -12.49 -23.18 4.67
CA CYS E 25 -13.44 -24.31 4.67
C CYS E 25 -14.90 -23.86 4.64
N ARG E 26 -15.12 -22.55 4.77
CA ARG E 26 -16.48 -22.03 4.90
C ARG E 26 -17.47 -22.55 3.88
N ASP E 27 -17.16 -22.40 2.59
CA ASP E 27 -18.05 -22.81 1.52
C ASP E 27 -17.48 -24.00 0.74
N PRO E 28 -18.01 -25.22 0.96
CA PRO E 28 -17.50 -26.42 0.32
C PRO E 28 -17.63 -26.42 -1.20
N LYS E 29 -18.44 -25.53 -1.74
CA LYS E 29 -18.61 -25.45 -3.18
C LYS E 29 -17.66 -24.40 -3.80
N SER E 30 -16.87 -23.72 -2.99
CA SER E 30 -15.99 -22.68 -3.53
C SER E 30 -14.68 -23.23 -4.05
N PHE E 31 -14.09 -22.48 -4.97
CA PHE E 31 -12.72 -22.66 -5.40
C PHE E 31 -11.78 -22.81 -4.19
N LEU E 32 -11.97 -21.97 -3.19
CA LEU E 32 -11.05 -21.91 -2.06
C LEU E 32 -11.10 -23.15 -1.15
N TYR E 33 -12.21 -23.87 -1.23
CA TYR E 33 -12.37 -25.08 -0.42
C TYR E 33 -11.31 -26.15 -0.70
N ARG E 34 -10.76 -26.19 -1.92
CA ARG E 34 -9.69 -27.16 -2.22
C ARG E 34 -8.46 -26.94 -1.30
N LEU E 35 -8.27 -25.69 -0.85
CA LEU E 35 -7.22 -25.36 0.10
C LEU E 35 -7.61 -25.67 1.56
N CYS E 36 -8.87 -26.02 1.78
CA CYS E 36 -9.36 -26.31 3.11
C CYS E 36 -8.82 -27.66 3.58
N ASP E 43 0.93 -28.74 -5.02
CA ASP E 43 2.29 -28.23 -4.92
C ASP E 43 2.78 -27.56 -6.21
N SER E 44 2.27 -28.02 -7.35
CA SER E 44 2.60 -27.38 -8.63
C SER E 44 2.05 -25.96 -8.72
N ASP E 45 1.02 -25.69 -7.91
CA ASP E 45 0.46 -24.36 -7.79
C ASP E 45 0.79 -23.70 -6.45
N LYS E 46 1.99 -23.98 -5.94
CA LYS E 46 2.51 -23.26 -4.78
C LYS E 46 3.86 -22.67 -5.15
N ASP E 47 4.25 -21.57 -4.49
CA ASP E 47 5.59 -20.98 -4.64
C ASP E 47 6.55 -21.48 -3.57
N GLU E 48 7.78 -20.99 -3.60
CA GLU E 48 8.83 -21.47 -2.70
C GLU E 48 8.49 -21.22 -1.23
N THR E 49 7.63 -20.24 -0.97
CA THR E 49 7.20 -19.95 0.39
C THR E 49 6.12 -20.92 0.86
N GLY E 50 5.58 -21.71 -0.06
CA GLY E 50 4.48 -22.62 0.23
C GLY E 50 3.12 -21.99 0.05
N ALA E 51 3.06 -20.82 -0.58
CA ALA E 51 1.78 -20.14 -0.78
C ALA E 51 1.07 -20.69 -2.01
N TYR E 52 -0.26 -20.87 -1.92
CA TYR E 52 -1.03 -21.28 -3.09
C TYR E 52 -1.09 -20.16 -4.11
N LEU E 53 -0.93 -20.50 -5.38
CA LEU E 53 -0.90 -19.47 -6.43
C LEU E 53 -2.27 -19.27 -7.08
N ILE E 54 -2.67 -18.00 -7.19
CA ILE E 54 -3.96 -17.66 -7.78
C ILE E 54 -3.80 -16.49 -8.74
N ASP E 55 -4.27 -16.68 -9.97
CA ASP E 55 -4.12 -15.72 -11.05
C ASP E 55 -5.31 -14.79 -11.04
N ARG E 56 -5.48 -14.09 -9.93
CA ARG E 56 -6.57 -13.14 -9.80
C ARG E 56 -6.10 -11.87 -9.13
N ASP E 57 -6.92 -10.83 -9.20
CA ASP E 57 -6.60 -9.55 -8.58
C ASP E 57 -6.69 -9.56 -7.04
N PRO E 58 -5.62 -9.12 -6.36
CA PRO E 58 -5.65 -9.22 -4.91
C PRO E 58 -6.45 -8.10 -4.24
N THR E 59 -6.66 -6.97 -4.90
CA THR E 59 -7.43 -5.89 -4.27
C THR E 59 -8.93 -6.24 -4.14
N TYR E 60 -9.42 -7.07 -5.03
CA TYR E 60 -10.82 -7.48 -4.94
C TYR E 60 -10.98 -8.68 -3.99
N PHE E 61 -9.87 -9.36 -3.72
CA PHE E 61 -9.91 -10.52 -2.86
C PHE E 61 -10.20 -10.18 -1.39
N GLY E 62 -9.76 -9.00 -0.94
CA GLY E 62 -9.98 -8.62 0.46
C GLY E 62 -11.37 -8.87 1.01
N PRO E 63 -12.39 -8.26 0.39
CA PRO E 63 -13.78 -8.39 0.83
C PRO E 63 -14.30 -9.82 0.75
N VAL E 64 -13.79 -10.58 -0.21
CA VAL E 64 -14.13 -12.01 -0.32
C VAL E 64 -13.61 -12.77 0.89
N LEU E 65 -12.31 -12.64 1.16
CA LEU E 65 -11.71 -13.36 2.29
C LEU E 65 -12.34 -12.89 3.61
N ASN E 66 -12.61 -11.59 3.73
CA ASN E 66 -13.28 -11.14 4.95
C ASN E 66 -14.65 -11.72 5.12
N TYR E 67 -15.37 -11.86 4.01
CA TYR E 67 -16.67 -12.48 4.06
C TYR E 67 -16.49 -13.90 4.59
N LEU E 68 -15.47 -14.60 4.10
CA LEU E 68 -15.24 -15.94 4.62
C LEU E 68 -14.89 -15.91 6.10
N ARG E 69 -14.21 -14.84 6.54
CA ARG E 69 -13.86 -14.70 7.96
C ARG E 69 -15.04 -14.45 8.87
N HIS E 70 -15.88 -13.48 8.52
CA HIS E 70 -16.89 -13.04 9.47
C HIS E 70 -18.30 -12.94 8.88
N GLY E 71 -18.49 -13.42 7.66
CA GLY E 71 -19.81 -13.46 7.04
C GLY E 71 -20.42 -12.14 6.57
N LYS E 72 -19.69 -11.04 6.68
CA LYS E 72 -20.28 -9.77 6.24
C LYS E 72 -19.63 -9.26 4.97
N LEU E 73 -20.40 -8.57 4.14
CA LEU E 73 -19.86 -7.93 2.96
C LEU E 73 -19.48 -6.49 3.30
N VAL E 74 -18.19 -6.21 3.23
CA VAL E 74 -17.67 -4.90 3.58
C VAL E 74 -16.74 -4.47 2.47
N ILE E 75 -17.07 -3.35 1.84
CA ILE E 75 -16.27 -2.85 0.73
C ILE E 75 -15.98 -1.37 0.94
N ASN E 76 -14.73 -0.97 0.74
CA ASN E 76 -14.39 0.45 0.88
C ASN E 76 -14.95 1.27 -0.27
N LYS E 77 -15.10 2.57 -0.03
CA LYS E 77 -15.81 3.45 -0.96
C LYS E 77 -15.15 3.60 -2.32
N ASP E 78 -13.86 3.27 -2.43
CA ASP E 78 -13.15 3.48 -3.69
C ASP E 78 -12.99 2.16 -4.47
N LEU E 79 -13.16 1.05 -3.76
CA LEU E 79 -13.04 -0.26 -4.38
C LEU E 79 -14.22 -0.48 -5.30
N ALA E 80 -13.92 -0.94 -6.52
CA ALA E 80 -14.94 -1.28 -7.49
C ALA E 80 -15.65 -2.56 -7.04
N GLU E 81 -16.98 -2.46 -6.89
CA GLU E 81 -17.79 -3.60 -6.46
C GLU E 81 -17.89 -4.63 -7.59
N GLU E 82 -17.84 -4.14 -8.83
CA GLU E 82 -17.82 -5.01 -10.00
C GLU E 82 -16.58 -5.90 -9.96
N GLY E 83 -15.50 -5.35 -9.41
CA GLY E 83 -14.27 -6.09 -9.25
C GLY E 83 -14.50 -7.20 -8.24
N VAL E 84 -15.24 -6.89 -7.19
CA VAL E 84 -15.51 -7.88 -6.16
C VAL E 84 -16.50 -8.92 -6.67
N LEU E 85 -17.43 -8.47 -7.50
CA LEU E 85 -18.40 -9.39 -8.11
C LEU E 85 -17.68 -10.43 -8.96
N GLU E 86 -16.82 -9.95 -9.87
CA GLU E 86 -15.99 -10.85 -10.66
C GLU E 86 -15.37 -11.93 -9.79
N GLU E 87 -14.74 -11.51 -8.69
CA GLU E 87 -14.03 -12.45 -7.82
C GLU E 87 -14.96 -13.41 -7.09
N ALA E 88 -16.11 -12.93 -6.62
CA ALA E 88 -17.05 -13.80 -5.94
C ALA E 88 -17.52 -14.91 -6.87
N GLU E 89 -17.81 -14.53 -8.12
CA GLU E 89 -18.16 -15.49 -9.15
C GLU E 89 -16.96 -16.37 -9.48
N PHE E 90 -15.80 -15.76 -9.68
CA PHE E 90 -14.64 -16.58 -9.93
C PHE E 90 -14.47 -17.66 -8.84
N TYR E 91 -14.54 -17.28 -7.57
CA TYR E 91 -14.31 -18.24 -6.47
C TYR E 91 -15.54 -19.09 -6.17
N ASN E 92 -16.65 -18.74 -6.82
CA ASN E 92 -17.90 -19.45 -6.65
C ASN E 92 -18.38 -19.52 -5.21
N ILE E 93 -18.49 -18.37 -4.56
CA ILE E 93 -19.07 -18.32 -3.22
C ILE E 93 -20.49 -17.82 -3.38
N THR E 94 -21.42 -18.76 -3.58
CA THR E 94 -22.76 -18.40 -4.04
C THR E 94 -23.42 -17.34 -3.14
N SER E 95 -23.31 -17.52 -1.83
CA SER E 95 -23.92 -16.57 -0.91
C SER E 95 -23.30 -15.15 -1.01
N LEU E 96 -22.00 -15.09 -1.23
CA LEU E 96 -21.34 -13.80 -1.38
C LEU E 96 -21.73 -13.14 -2.71
N ILE E 97 -21.76 -13.93 -3.78
CA ILE E 97 -22.16 -13.42 -5.08
C ILE E 97 -23.49 -12.67 -4.94
N LYS E 98 -24.41 -13.27 -4.18
CA LYS E 98 -25.74 -12.70 -4.02
C LYS E 98 -25.65 -11.39 -3.26
N LEU E 99 -24.83 -11.38 -2.23
CA LEU E 99 -24.66 -10.18 -1.43
C LEU E 99 -24.17 -9.02 -2.28
N VAL E 100 -23.22 -9.29 -3.17
CA VAL E 100 -22.68 -8.24 -4.03
C VAL E 100 -23.70 -7.79 -5.07
N LYS E 101 -24.43 -8.74 -5.65
CA LYS E 101 -25.49 -8.40 -6.60
C LYS E 101 -26.52 -7.50 -5.93
N ASP E 102 -26.65 -7.62 -4.62
CA ASP E 102 -27.58 -6.77 -3.88
C ASP E 102 -27.05 -5.34 -3.73
N LYS E 103 -25.81 -5.24 -3.26
CA LYS E 103 -25.18 -3.94 -3.07
C LYS E 103 -25.28 -3.15 -4.37
N ILE E 104 -25.16 -3.85 -5.49
CA ILE E 104 -25.18 -3.19 -6.80
C ILE E 104 -26.59 -2.82 -7.25
N ARG E 105 -27.57 -3.67 -6.94
CA ARG E 105 -28.98 -3.39 -7.26
C ARG E 105 -29.43 -2.03 -6.72
N GLU E 106 -28.91 -1.66 -5.55
CA GLU E 106 -29.44 -0.51 -4.83
C GLU E 106 -28.40 0.55 -4.50
N ARG E 107 -27.18 0.39 -5.02
CA ARG E 107 -26.11 1.36 -4.80
C ARG E 107 -26.67 2.70 -4.32
#